data_4U2A
#
_entry.id   4U2A
#
_cell.length_a   56.262
_cell.length_b   85.520
_cell.length_c   129.416
_cell.angle_alpha   90.000
_cell.angle_beta   90.000
_cell.angle_gamma   90.000
#
_symmetry.space_group_name_H-M   'I 2 2 2'
#
loop_
_entity.id
_entity.type
_entity.pdbx_description
1 polymer 'Seed lectin'
2 non-polymer 'CALCIUM ION'
3 non-polymer 'MANGANESE (II) ION'
4 non-polymer 2-acetamido-2-deoxy-alpha-D-galactopyranose
5 non-polymer 'CITRIC ACID'
6 non-polymer GLYCEROL
7 non-polymer 'SULFATE ION'
8 water water
#
_entity_poly.entity_id   1
_entity_poly.type   'polypeptide(L)'
_entity_poly.pdbx_seq_one_letter_code
;SEVVSFSFTKFNPNPKDIILQGDALVTSKGKLQLTKVKDGKPVDHSLGRALYAAPIHIWDDSTDRVASFATSFSFVVEAP
DESKTADGIAFFLAPPDTQPQKDGGFLGLFNDSNKSIQTVAVEFDTFSNTWDPSARHIGINVNSIESMKYVKWGWENGKV
ANVYISYEASTKTLTASLTYPSNATSYIVSANVDLKSALPEWVRVGFSATSGLSRDHVETHDVLDWSFTSTLQAPSDDSN
;
_entity_poly.pdbx_strand_id   A
#
loop_
_chem_comp.id
_chem_comp.type
_chem_comp.name
_chem_comp.formula
A2G D-saccharide, alpha linking 2-acetamido-2-deoxy-alpha-D-galactopyranose 'C8 H15 N O6'
CA non-polymer 'CALCIUM ION' 'Ca 2'
CIT non-polymer 'CITRIC ACID' 'C6 H8 O7'
GOL non-polymer GLYCEROL 'C3 H8 O3'
MN non-polymer 'MANGANESE (II) ION' 'Mn 2'
SO4 non-polymer 'SULFATE ION' 'O4 S -2'
#
# COMPACT_ATOMS: atom_id res chain seq x y z
N SER A 1 -16.02 -22.18 5.44
CA SER A 1 -15.23 -20.92 5.68
C SER A 1 -13.86 -21.18 5.11
N GLU A 2 -13.14 -20.12 4.79
CA GLU A 2 -11.87 -20.23 4.10
C GLU A 2 -10.91 -19.15 4.59
N VAL A 3 -9.90 -19.58 5.32
CA VAL A 3 -8.92 -18.65 5.94
C VAL A 3 -7.64 -18.70 5.12
N VAL A 4 -6.98 -17.56 4.93
N VAL A 4 -6.99 -17.56 4.93
CA VAL A 4 -5.69 -17.51 4.18
CA VAL A 4 -5.70 -17.52 4.20
C VAL A 4 -4.78 -16.53 4.92
C VAL A 4 -4.82 -16.61 5.08
N SER A 5 -3.55 -16.95 5.21
CA SER A 5 -2.64 -15.99 5.81
CA SER A 5 -2.64 -16.07 5.93
C SER A 5 -1.18 -16.29 5.44
N PHE A 6 -0.37 -15.24 5.53
CA PHE A 6 1.04 -15.34 5.24
C PHE A 6 1.81 -14.25 6.01
N SER A 7 3.09 -14.51 6.25
CA SER A 7 4.00 -13.54 6.91
CA SER A 7 3.92 -13.54 7.01
C SER A 7 5.30 -13.62 6.45
N PHE A 8 5.91 -12.47 6.15
CA PHE A 8 7.32 -12.43 5.76
C PHE A 8 8.05 -11.52 6.77
N THR A 9 9.13 -11.96 7.43
CA THR A 9 9.86 -11.05 8.30
C THR A 9 10.89 -10.26 7.47
N LYS A 10 11.13 -10.75 6.28
CA LYS A 10 11.87 -10.06 5.23
C LYS A 10 11.53 -10.80 3.96
N PHE A 11 11.92 -10.28 2.80
CA PHE A 11 11.55 -10.81 1.49
C PHE A 11 12.71 -11.55 0.86
N ASN A 12 12.40 -12.55 0.05
CA ASN A 12 13.46 -13.37 -0.64
CA ASN A 12 13.40 -13.32 -0.68
C ASN A 12 13.81 -12.60 -1.94
N PRO A 13 15.13 -12.56 -2.25
CA PRO A 13 15.54 -11.91 -3.45
C PRO A 13 14.96 -12.40 -4.73
N ASN A 14 14.50 -13.64 -4.84
CA ASN A 14 13.76 -14.07 -6.02
C ASN A 14 12.41 -14.68 -5.55
N PRO A 15 11.39 -13.83 -5.33
CA PRO A 15 10.28 -14.30 -4.52
C PRO A 15 9.17 -14.91 -5.38
N LYS A 16 9.03 -16.20 -5.35
CA LYS A 16 8.02 -16.80 -6.20
C LYS A 16 6.58 -16.67 -5.72
N ASP A 17 6.37 -16.33 -4.46
CA ASP A 17 4.98 -16.10 -4.01
C ASP A 17 4.57 -14.61 -4.12
N ILE A 18 5.48 -13.82 -4.70
CA ILE A 18 5.22 -12.40 -4.93
C ILE A 18 5.35 -12.09 -6.42
N ILE A 19 4.31 -11.54 -6.99
CA ILE A 19 4.30 -11.07 -8.36
C ILE A 19 4.83 -9.62 -8.40
N LEU A 20 6.03 -9.44 -8.95
CA LEU A 20 6.69 -8.14 -9.02
C LEU A 20 6.31 -7.47 -10.34
N GLN A 21 5.88 -6.22 -10.29
CA GLN A 21 5.46 -5.47 -11.46
C GLN A 21 6.22 -4.18 -11.59
N GLY A 22 6.39 -3.71 -12.83
CA GLY A 22 7.16 -2.43 -13.01
C GLY A 22 8.59 -2.53 -12.59
N ASP A 23 9.05 -1.58 -11.77
CA ASP A 23 10.42 -1.48 -11.31
C ASP A 23 10.71 -2.27 -10.02
N ALA A 24 9.70 -2.88 -9.43
CA ALA A 24 9.84 -3.49 -8.10
C ALA A 24 10.86 -4.65 -8.11
N LEU A 25 11.66 -4.76 -7.06
CA LEU A 25 12.59 -5.85 -6.90
C LEU A 25 12.82 -6.02 -5.42
N VAL A 26 13.38 -7.18 -5.07
CA VAL A 26 13.82 -7.41 -3.71
C VAL A 26 15.37 -7.35 -3.65
N THR A 27 15.89 -6.53 -2.77
CA THR A 27 17.31 -6.38 -2.57
C THR A 27 18.00 -7.60 -2.00
N SER A 28 19.35 -7.67 -2.08
CA SER A 28 20.07 -8.79 -1.46
C SER A 28 19.81 -8.97 -0.02
N LYS A 29 19.59 -7.87 0.68
CA LYS A 29 19.30 -7.85 2.12
C LYS A 29 17.82 -8.10 2.45
N GLY A 30 17.00 -8.34 1.44
CA GLY A 30 15.58 -8.71 1.65
C GLY A 30 14.59 -7.60 1.84
N LYS A 31 14.89 -6.39 1.34
CA LYS A 31 13.93 -5.31 1.31
C LYS A 31 13.15 -5.30 0.00
N LEU A 32 11.87 -5.02 0.05
CA LEU A 32 11.06 -4.89 -1.13
C LEU A 32 11.15 -3.46 -1.59
N GLN A 33 11.97 -3.22 -2.63
CA GLN A 33 12.26 -1.94 -3.15
C GLN A 33 11.31 -1.61 -4.30
N LEU A 34 10.24 -0.85 -4.03
CA LEU A 34 9.16 -0.72 -5.06
C LEU A 34 9.59 0.20 -6.22
N THR A 35 10.34 1.21 -5.86
CA THR A 35 10.82 2.20 -6.87
C THR A 35 12.32 2.22 -6.99
N LYS A 36 12.74 2.59 -8.19
CA LYS A 36 14.13 2.39 -8.56
C LYS A 36 15.14 3.21 -7.79
N VAL A 37 16.28 2.58 -7.54
CA VAL A 37 17.39 3.20 -6.81
C VAL A 37 18.63 2.90 -7.65
N LYS A 38 19.47 3.91 -7.91
CA LYS A 38 20.67 3.73 -8.80
C LYS A 38 21.83 4.38 -8.06
N ASP A 39 22.91 3.64 -7.82
CA ASP A 39 24.01 4.17 -6.96
C ASP A 39 23.51 4.57 -5.59
N GLY A 40 22.55 3.80 -5.06
CA GLY A 40 22.01 4.13 -3.76
C GLY A 40 21.10 5.35 -3.72
N LYS A 41 20.77 5.98 -4.87
CA LYS A 41 19.91 7.22 -4.90
C LYS A 41 18.60 6.95 -5.60
N PRO A 42 17.44 7.44 -5.06
CA PRO A 42 16.20 7.16 -5.78
C PRO A 42 16.09 7.93 -7.09
N VAL A 43 15.51 7.32 -8.11
CA VAL A 43 15.34 7.88 -9.49
C VAL A 43 13.88 8.27 -9.72
N ASP A 44 13.66 9.28 -10.57
CA ASP A 44 12.36 9.77 -10.93
C ASP A 44 11.62 8.90 -11.96
N HIS A 45 10.33 9.17 -12.16
CA HIS A 45 9.53 8.49 -13.15
C HIS A 45 9.48 6.98 -12.90
N SER A 46 9.54 6.57 -11.63
CA SER A 46 9.52 5.09 -11.35
C SER A 46 8.18 4.66 -10.81
N LEU A 47 7.80 3.41 -11.07
CA LEU A 47 6.53 2.78 -10.67
C LEU A 47 6.86 1.30 -10.47
N GLY A 48 6.54 0.81 -9.27
CA GLY A 48 6.65 -0.58 -8.95
C GLY A 48 5.47 -1.04 -8.13
N ARG A 49 5.15 -2.31 -8.30
CA ARG A 49 4.06 -2.96 -7.51
C ARG A 49 4.46 -4.35 -7.16
N ALA A 50 3.77 -4.92 -6.15
CA ALA A 50 4.04 -6.32 -5.67
C ALA A 50 2.77 -6.88 -5.14
N LEU A 51 2.40 -8.07 -5.62
CA LEU A 51 1.13 -8.71 -5.22
C LEU A 51 1.39 -10.07 -4.65
N TYR A 52 0.67 -10.48 -3.61
CA TYR A 52 0.76 -11.85 -3.20
C TYR A 52 0.23 -12.77 -4.30
N ALA A 53 0.89 -13.94 -4.48
CA ALA A 53 0.50 -14.83 -5.60
C ALA A 53 -0.94 -15.35 -5.53
N ALA A 54 -1.41 -15.75 -4.34
CA ALA A 54 -2.73 -16.36 -4.27
C ALA A 54 -3.84 -15.31 -4.24
N PRO A 55 -4.85 -15.43 -5.12
CA PRO A 55 -6.04 -14.60 -4.93
C PRO A 55 -6.72 -14.76 -3.59
N ILE A 56 -7.31 -13.68 -3.09
CA ILE A 56 -8.06 -13.64 -1.87
C ILE A 56 -9.56 -13.56 -2.14
N HIS A 57 -10.36 -14.35 -1.42
CA HIS A 57 -11.78 -14.39 -1.66
C HIS A 57 -12.42 -13.39 -0.74
N ILE A 58 -12.77 -12.23 -1.27
CA ILE A 58 -13.28 -11.18 -0.37
C ILE A 58 -14.77 -11.08 -0.26
N TRP A 59 -15.56 -11.60 -1.24
CA TRP A 59 -17.00 -11.75 -1.03
C TRP A 59 -17.51 -12.87 -1.94
N ASP A 60 -18.73 -13.34 -1.69
CA ASP A 60 -19.27 -14.45 -2.48
C ASP A 60 -20.74 -14.16 -2.81
N ASP A 61 -21.04 -14.04 -4.09
CA ASP A 61 -22.41 -13.56 -4.48
C ASP A 61 -23.44 -14.60 -4.09
N SER A 62 -23.08 -15.87 -4.27
CA SER A 62 -23.97 -16.97 -3.95
C SER A 62 -24.39 -17.06 -2.46
N THR A 63 -23.43 -16.95 -1.52
CA THR A 63 -23.71 -17.06 -0.12
C THR A 63 -23.93 -15.72 0.55
N ASP A 64 -23.81 -14.64 -0.19
CA ASP A 64 -23.91 -13.30 0.33
C ASP A 64 -22.99 -13.01 1.57
N ARG A 65 -21.77 -13.53 1.57
CA ARG A 65 -20.82 -13.26 2.65
C ARG A 65 -19.68 -12.32 2.24
N VAL A 66 -19.09 -11.62 3.21
CA VAL A 66 -17.99 -10.74 2.95
C VAL A 66 -16.85 -11.05 3.92
N ALA A 67 -15.59 -10.96 3.45
CA ALA A 67 -14.43 -11.35 4.25
C ALA A 67 -14.12 -10.24 5.22
N SER A 68 -13.51 -10.63 6.33
CA SER A 68 -12.83 -9.65 7.19
C SER A 68 -11.33 -9.90 7.01
N PHE A 69 -10.48 -8.88 7.08
CA PHE A 69 -9.06 -9.15 6.96
C PHE A 69 -8.26 -8.18 7.82
N ALA A 70 -7.00 -8.51 8.03
CA ALA A 70 -6.07 -7.58 8.74
C ALA A 70 -4.68 -7.76 8.21
N THR A 71 -3.91 -6.67 8.18
CA THR A 71 -2.58 -6.73 7.63
C THR A 71 -1.68 -5.76 8.37
N SER A 72 -0.44 -6.16 8.60
N SER A 72 -0.44 -6.18 8.59
CA SER A 72 0.53 -5.22 9.12
CA SER A 72 0.59 -5.35 9.18
C SER A 72 1.74 -5.25 8.22
C SER A 72 1.84 -5.31 8.31
N PHE A 73 2.47 -4.15 8.23
CA PHE A 73 3.75 -4.05 7.51
C PHE A 73 4.51 -2.84 7.97
N SER A 74 5.82 -2.83 7.70
CA SER A 74 6.48 -1.60 7.94
CA SER A 74 6.61 -1.66 8.01
C SER A 74 7.24 -1.20 6.69
N PHE A 75 7.45 0.12 6.57
CA PHE A 75 8.03 0.67 5.36
C PHE A 75 8.85 1.92 5.68
N VAL A 76 9.69 2.29 4.71
CA VAL A 76 10.53 3.49 4.80
C VAL A 76 10.34 4.29 3.49
N VAL A 77 10.19 5.60 3.64
CA VAL A 77 10.26 6.52 2.48
C VAL A 77 11.37 7.53 2.85
N GLU A 78 12.43 7.50 2.06
CA GLU A 78 13.60 8.36 2.27
C GLU A 78 13.82 9.23 1.02
N ALA A 79 13.93 10.53 1.26
CA ALA A 79 14.15 11.51 0.19
C ALA A 79 15.47 12.21 0.51
N PRO A 80 16.23 12.52 -0.50
CA PRO A 80 17.47 13.31 -0.27
C PRO A 80 17.21 14.72 0.23
N ASP A 81 16.05 15.31 -0.12
CA ASP A 81 15.51 16.60 0.42
C ASP A 81 14.07 16.56 1.02
N GLU A 82 13.98 16.84 2.31
CA GLU A 82 12.69 16.84 3.01
C GLU A 82 11.55 17.71 2.48
N SER A 83 11.87 18.81 1.86
CA SER A 83 10.86 19.77 1.42
C SER A 83 10.24 19.42 0.03
N LYS A 84 10.94 18.64 -0.80
N LYS A 84 10.93 18.61 -0.77
CA LYS A 84 10.32 18.20 -2.06
CA LYS A 84 10.42 18.20 -2.08
C LYS A 84 10.35 16.67 -2.20
C LYS A 84 10.37 16.65 -2.20
N THR A 85 9.15 16.12 -2.20
CA THR A 85 8.95 14.66 -2.13
C THR A 85 7.82 14.31 -3.11
N ALA A 86 7.86 13.11 -3.69
CA ALA A 86 6.75 12.56 -4.39
C ALA A 86 7.07 11.13 -4.72
N ASP A 87 6.06 10.30 -5.05
CA ASP A 87 4.63 10.56 -4.92
C ASP A 87 3.96 9.77 -3.76
N GLY A 88 4.46 8.57 -3.47
CA GLY A 88 3.91 7.85 -2.28
C GLY A 88 3.84 6.35 -2.52
N ILE A 89 3.30 5.67 -1.50
CA ILE A 89 3.21 4.21 -1.48
C ILE A 89 1.81 3.85 -0.97
N ALA A 90 1.26 2.70 -1.44
CA ALA A 90 -0.07 2.29 -1.03
C ALA A 90 -0.13 0.80 -0.84
N PHE A 91 -1.02 0.40 0.08
CA PHE A 91 -1.50 -0.96 0.14
C PHE A 91 -2.83 -1.03 -0.65
N PHE A 92 -3.05 -2.11 -1.42
CA PHE A 92 -4.27 -2.12 -2.21
C PHE A 92 -4.79 -3.48 -2.47
N LEU A 93 -6.06 -3.48 -2.85
CA LEU A 93 -6.77 -4.65 -3.39
C LEU A 93 -7.31 -4.36 -4.79
N ALA A 94 -7.11 -5.31 -5.72
CA ALA A 94 -7.60 -5.13 -7.14
C ALA A 94 -7.88 -6.52 -7.75
N PRO A 95 -8.54 -6.54 -8.93
CA PRO A 95 -8.79 -7.84 -9.57
C PRO A 95 -7.51 -8.62 -9.73
N PRO A 96 -7.58 -9.98 -9.82
CA PRO A 96 -6.39 -10.77 -9.84
C PRO A 96 -5.43 -10.48 -11.01
N ASP A 97 -5.97 -10.11 -12.16
CA ASP A 97 -5.15 -9.78 -13.33
C ASP A 97 -4.75 -8.30 -13.40
N THR A 98 -4.82 -7.61 -12.26
CA THR A 98 -4.43 -6.19 -12.19
C THR A 98 -3.01 -5.93 -12.69
N GLN A 99 -2.90 -4.87 -13.53
CA GLN A 99 -1.64 -4.37 -14.03
C GLN A 99 -1.37 -2.96 -13.65
N PRO A 100 -0.09 -2.53 -13.66
CA PRO A 100 0.21 -1.12 -13.34
C PRO A 100 -0.58 -0.10 -14.15
N GLN A 101 -1.08 0.94 -13.48
CA GLN A 101 -1.87 2.00 -14.11
C GLN A 101 -0.94 3.24 -13.99
N LYS A 102 -1.48 4.43 -14.25
CA LYS A 102 -0.68 5.66 -14.34
C LYS A 102 0.38 5.94 -13.27
N ASP A 103 1.55 6.41 -13.72
CA ASP A 103 2.61 6.82 -12.81
C ASP A 103 2.41 8.18 -12.13
N GLY A 104 3.44 8.62 -11.41
CA GLY A 104 3.37 9.87 -10.72
C GLY A 104 2.30 9.93 -9.66
N GLY A 105 1.49 10.98 -9.69
CA GLY A 105 0.44 11.17 -8.65
C GLY A 105 -0.62 10.06 -8.61
N PHE A 106 -0.73 9.27 -9.66
CA PHE A 106 -1.72 8.19 -9.74
C PHE A 106 -1.26 6.95 -9.02
N LEU A 107 -0.01 6.94 -8.56
CA LEU A 107 0.54 5.92 -7.58
C LEU A 107 0.63 4.52 -8.17
N GLY A 108 0.49 4.39 -9.50
CA GLY A 108 0.49 3.07 -10.15
C GLY A 108 -0.86 2.39 -10.05
N LEU A 109 -1.83 3.04 -9.41
CA LEU A 109 -3.07 2.41 -9.09
C LEU A 109 -4.27 2.84 -9.98
N PHE A 110 -4.33 4.12 -10.29
CA PHE A 110 -5.53 4.68 -10.99
C PHE A 110 -5.15 5.34 -12.30
N ASN A 111 -6.16 5.86 -13.00
CA ASN A 111 -5.86 6.59 -14.26
C ASN A 111 -6.87 7.76 -14.59
N ASP A 112 -6.92 8.28 -15.82
CA ASP A 112 -8.07 9.17 -16.27
C ASP A 112 -9.45 8.83 -15.67
N ILE A 117 -12.00 1.32 -13.21
CA ILE A 117 -10.93 0.62 -12.44
C ILE A 117 -11.36 0.34 -11.03
N GLN A 118 -11.28 -0.95 -10.70
CA GLN A 118 -11.68 -1.43 -9.44
C GLN A 118 -10.39 -1.56 -8.64
N THR A 119 -10.24 -0.70 -7.69
CA THR A 119 -9.09 -0.81 -6.75
C THR A 119 -9.46 -0.08 -5.51
N VAL A 120 -9.25 -0.69 -4.33
CA VAL A 120 -9.40 0.01 -3.10
C VAL A 120 -8.01 0.07 -2.51
N ALA A 121 -7.64 1.24 -2.01
CA ALA A 121 -6.27 1.45 -1.48
C ALA A 121 -6.25 2.25 -0.21
N VAL A 122 -5.24 1.99 0.59
CA VAL A 122 -4.81 2.89 1.69
C VAL A 122 -3.49 3.48 1.24
N GLU A 123 -3.51 4.80 1.07
CA GLU A 123 -2.37 5.51 0.49
C GLU A 123 -1.60 6.36 1.50
N PHE A 124 -0.29 6.38 1.32
CA PHE A 124 0.63 7.21 2.13
C PHE A 124 1.23 8.17 1.11
N ASP A 125 0.62 9.35 0.99
CA ASP A 125 0.74 10.26 -0.11
C ASP A 125 1.62 11.46 0.33
N THR A 126 2.77 11.55 -0.35
CA THR A 126 3.84 12.51 -0.01
C THR A 126 3.84 13.80 -0.89
N PHE A 127 2.91 13.92 -1.84
CA PHE A 127 2.84 15.10 -2.74
C PHE A 127 1.44 15.53 -2.97
N SER A 128 1.17 16.81 -2.72
CA SER A 128 -0.17 17.40 -2.91
C SER A 128 -0.47 17.64 -4.41
N ASN A 129 -1.24 16.78 -5.00
CA ASN A 129 -1.79 16.96 -6.35
C ASN A 129 -3.03 17.82 -6.35
N THR A 130 -3.54 18.15 -7.55
CA THR A 130 -4.71 19.00 -7.63
C THR A 130 -5.89 18.40 -6.90
N TRP A 131 -5.99 17.08 -6.84
CA TRP A 131 -7.07 16.37 -6.14
C TRP A 131 -6.91 16.11 -4.62
N ASP A 132 -5.78 16.50 -4.07
CA ASP A 132 -5.31 16.13 -2.69
C ASP A 132 -5.60 17.29 -1.73
N PRO A 133 -5.71 17.00 -0.43
CA PRO A 133 -5.52 18.00 0.60
C PRO A 133 -4.12 18.61 0.56
N SER A 134 -3.96 19.75 1.22
CA SER A 134 -2.68 20.47 1.13
C SER A 134 -1.47 19.70 1.77
N ALA A 135 -1.71 19.02 2.87
CA ALA A 135 -0.64 18.38 3.59
C ALA A 135 -0.46 16.92 3.14
N ARG A 136 0.72 16.36 3.41
CA ARG A 136 0.90 14.89 3.28
C ARG A 136 -0.17 14.20 4.07
N HIS A 137 -0.62 13.02 3.64
CA HIS A 137 -1.81 12.42 4.26
C HIS A 137 -1.81 10.93 4.07
N ILE A 138 -2.54 10.26 4.94
CA ILE A 138 -2.92 8.87 4.80
C ILE A 138 -4.38 8.87 4.33
N GLY A 139 -4.66 8.24 3.19
CA GLY A 139 -6.03 8.29 2.61
C GLY A 139 -6.60 6.92 2.39
N ILE A 140 -7.94 6.84 2.42
CA ILE A 140 -8.65 5.66 2.06
C ILE A 140 -9.33 5.99 0.72
N ASN A 141 -9.05 5.19 -0.31
CA ASN A 141 -9.44 5.48 -1.69
C ASN A 141 -10.29 4.32 -2.27
N VAL A 142 -11.49 4.63 -2.77
CA VAL A 142 -12.34 3.64 -3.33
C VAL A 142 -12.60 3.98 -4.81
N ASN A 143 -11.87 3.32 -5.69
CA ASN A 143 -12.01 3.43 -7.14
C ASN A 143 -11.74 4.87 -7.62
N SER A 144 -10.90 5.62 -6.90
CA SER A 144 -10.55 6.96 -7.25
C SER A 144 -9.20 7.31 -6.61
N ILE A 145 -8.44 8.17 -7.30
CA ILE A 145 -7.21 8.79 -6.71
C ILE A 145 -7.55 9.86 -5.68
N GLU A 146 -8.81 10.30 -5.68
CA GLU A 146 -9.35 11.15 -4.62
C GLU A 146 -9.76 10.35 -3.39
N SER A 147 -9.23 10.69 -2.25
CA SER A 147 -9.57 9.92 -1.05
C SER A 147 -10.94 10.22 -0.49
N MET A 148 -11.73 9.21 -0.12
CA MET A 148 -12.97 9.54 0.59
C MET A 148 -12.78 10.00 2.04
N LYS A 149 -11.73 9.51 2.68
CA LYS A 149 -11.36 10.00 3.99
C LYS A 149 -9.87 10.08 4.06
N TYR A 150 -9.34 11.06 4.82
CA TYR A 150 -7.92 11.13 5.04
C TYR A 150 -7.61 11.69 6.42
N VAL A 151 -6.37 11.49 6.85
CA VAL A 151 -5.83 12.16 8.04
C VAL A 151 -4.48 12.79 7.60
N LYS A 152 -4.24 14.00 8.08
CA LYS A 152 -2.93 14.61 7.89
C LYS A 152 -1.82 13.79 8.52
N TRP A 153 -0.72 13.62 7.77
CA TRP A 153 0.38 12.71 8.08
C TRP A 153 1.70 13.43 8.20
N GLY A 154 2.30 13.42 9.39
CA GLY A 154 3.65 14.03 9.53
C GLY A 154 4.70 12.98 9.16
N TRP A 155 4.97 12.88 7.89
CA TRP A 155 5.98 11.99 7.33
C TRP A 155 7.36 12.27 7.93
N GLU A 156 8.03 11.21 8.38
CA GLU A 156 9.37 11.29 8.94
C GLU A 156 10.33 10.67 7.97
N ASN A 157 11.16 11.54 7.39
CA ASN A 157 12.18 11.07 6.42
C ASN A 157 13.13 9.99 6.86
N GLY A 158 13.11 8.87 6.14
CA GLY A 158 13.95 7.76 6.45
C GLY A 158 13.65 6.92 7.69
N LYS A 159 12.61 7.24 8.46
N LYS A 159 12.60 7.23 8.44
CA LYS A 159 12.25 6.47 9.67
CA LYS A 159 12.28 6.48 9.66
C LYS A 159 11.33 5.32 9.31
C LYS A 159 11.32 5.33 9.33
N VAL A 160 11.45 4.25 10.08
CA VAL A 160 10.56 3.10 9.85
C VAL A 160 9.18 3.46 10.33
N ALA A 161 8.18 3.22 9.47
CA ALA A 161 6.78 3.34 9.82
C ALA A 161 6.16 1.99 9.95
N ASN A 162 5.41 1.80 11.03
CA ASN A 162 4.63 0.56 11.25
C ASN A 162 3.21 0.82 10.90
N VAL A 163 2.61 -0.09 10.12
CA VAL A 163 1.21 0.07 9.66
C VAL A 163 0.38 -1.13 10.09
N TYR A 164 -0.85 -0.84 10.50
CA TYR A 164 -1.91 -1.88 10.74
C TYR A 164 -3.18 -1.39 10.05
N ILE A 165 -3.73 -2.32 9.27
CA ILE A 165 -4.98 -2.11 8.52
C ILE A 165 -5.94 -3.23 8.80
N SER A 166 -7.18 -2.89 9.15
CA SER A 166 -8.17 -3.96 9.33
C SER A 166 -9.46 -3.62 8.63
N TYR A 167 -10.16 -4.66 8.22
CA TYR A 167 -11.51 -4.53 7.66
C TYR A 167 -12.51 -5.44 8.37
N GLU A 168 -13.57 -4.88 8.95
CA GLU A 168 -14.57 -5.64 9.69
C GLU A 168 -15.79 -5.75 8.77
N ALA A 169 -16.01 -6.94 8.22
CA ALA A 169 -17.15 -7.08 7.27
C ALA A 169 -18.52 -6.81 7.84
N SER A 170 -18.71 -7.11 9.10
CA SER A 170 -20.03 -6.97 9.78
C SER A 170 -20.47 -5.50 9.87
N THR A 171 -19.51 -4.57 9.81
CA THR A 171 -19.81 -3.14 9.88
C THR A 171 -19.35 -2.34 8.66
N LYS A 172 -18.71 -3.03 7.70
CA LYS A 172 -18.07 -2.43 6.53
C LYS A 172 -17.02 -1.38 6.85
N THR A 173 -16.32 -1.56 7.98
CA THR A 173 -15.39 -0.54 8.44
C THR A 173 -13.94 -0.93 8.08
N LEU A 174 -13.33 -0.08 7.28
CA LEU A 174 -11.91 -0.14 6.98
C LEU A 174 -11.13 0.88 7.83
N THR A 175 -10.11 0.40 8.57
CA THR A 175 -9.29 1.30 9.39
C THR A 175 -7.82 1.13 9.11
N ALA A 176 -7.11 2.26 9.02
CA ALA A 176 -5.68 2.20 8.80
C ALA A 176 -4.95 3.09 9.76
N SER A 177 -3.89 2.57 10.33
CA SER A 177 -3.07 3.38 11.19
C SER A 177 -1.57 3.22 10.86
N LEU A 178 -0.80 4.24 11.25
CA LEU A 178 0.60 4.31 11.11
C LEU A 178 1.25 4.84 12.43
N THR A 179 2.33 4.20 12.83
CA THR A 179 3.09 4.62 13.97
C THR A 179 4.59 4.64 13.64
N TYR A 180 5.27 5.75 14.00
CA TYR A 180 6.74 5.80 13.97
C TYR A 180 7.28 5.44 15.36
N PRO A 181 7.87 4.29 15.49
CA PRO A 181 8.42 3.92 16.81
C PRO A 181 9.52 4.85 17.31
N SER A 182 10.27 5.41 16.37
CA SER A 182 11.37 6.30 16.76
C SER A 182 10.92 7.45 17.67
N ASN A 183 9.79 8.08 17.42
CA ASN A 183 9.26 9.06 18.37
C ASN A 183 7.84 8.84 18.89
N ALA A 184 7.38 7.61 18.84
CA ALA A 184 6.02 7.24 19.33
C ALA A 184 4.95 8.17 18.89
N THR A 185 4.90 8.42 17.59
CA THR A 185 3.91 9.28 16.99
CA THR A 185 3.86 9.30 17.01
C THR A 185 3.01 8.50 16.04
N SER A 186 1.70 8.72 16.09
CA SER A 186 0.77 7.82 15.35
C SER A 186 -0.37 8.64 14.73
N TYR A 187 -0.97 8.00 13.72
CA TYR A 187 -2.03 8.59 12.88
C TYR A 187 -3.01 7.48 12.54
N ILE A 188 -4.25 7.84 12.43
CA ILE A 188 -5.29 6.85 12.11
C ILE A 188 -6.43 7.49 11.30
N VAL A 189 -6.98 6.70 10.40
CA VAL A 189 -8.18 7.08 9.59
C VAL A 189 -9.06 5.86 9.35
N SER A 190 -10.36 6.08 9.29
N SER A 190 -10.37 6.09 9.32
CA SER A 190 -11.26 5.00 8.98
CA SER A 190 -11.33 5.02 9.00
C SER A 190 -12.32 5.44 7.98
C SER A 190 -12.42 5.45 8.07
N ALA A 191 -12.99 4.46 7.38
CA ALA A 191 -14.09 4.75 6.43
C ALA A 191 -15.02 3.58 6.33
N ASN A 192 -16.28 3.87 5.98
CA ASN A 192 -17.21 2.81 5.66
C ASN A 192 -17.06 2.49 4.21
N VAL A 193 -16.69 1.25 3.90
CA VAL A 193 -16.40 0.85 2.53
C VAL A 193 -17.16 -0.44 2.23
N ASP A 194 -17.95 -0.46 1.17
CA ASP A 194 -18.68 -1.68 0.77
C ASP A 194 -17.84 -2.45 -0.25
N LEU A 195 -17.14 -3.51 0.17
CA LEU A 195 -16.26 -4.22 -0.76
C LEU A 195 -17.01 -4.91 -1.89
N LYS A 196 -18.24 -5.31 -1.64
CA LYS A 196 -19.01 -5.95 -2.70
C LYS A 196 -19.32 -5.04 -3.89
N SER A 197 -19.54 -3.74 -3.63
CA SER A 197 -19.83 -2.82 -4.67
C SER A 197 -18.57 -2.28 -5.30
N ALA A 198 -17.43 -2.31 -4.58
CA ALA A 198 -16.23 -1.72 -5.14
C ALA A 198 -15.32 -2.65 -5.92
N LEU A 199 -15.39 -3.93 -5.63
CA LEU A 199 -14.41 -4.91 -6.03
C LEU A 199 -15.13 -6.15 -6.53
N PRO A 200 -14.45 -6.95 -7.35
CA PRO A 200 -14.97 -8.29 -7.60
C PRO A 200 -14.80 -9.26 -6.46
N GLU A 201 -15.40 -10.45 -6.62
CA GLU A 201 -15.37 -11.45 -5.57
C GLU A 201 -13.99 -11.92 -5.14
N TRP A 202 -13.09 -12.05 -6.11
CA TRP A 202 -11.72 -12.42 -5.87
C TRP A 202 -10.80 -11.29 -6.23
N VAL A 203 -9.81 -11.06 -5.36
CA VAL A 203 -8.84 -9.96 -5.59
C VAL A 203 -7.40 -10.49 -5.39
N ARG A 204 -6.40 -9.69 -5.80
CA ARG A 204 -5.04 -9.84 -5.27
C ARG A 204 -4.72 -8.63 -4.44
N VAL A 205 -3.84 -8.82 -3.44
CA VAL A 205 -3.49 -7.74 -2.51
C VAL A 205 -2.01 -7.51 -2.58
N GLY A 206 -1.63 -6.28 -2.25
CA GLY A 206 -0.19 -5.93 -2.26
C GLY A 206 0.07 -4.44 -2.16
N PHE A 207 1.19 -4.01 -2.76
CA PHE A 207 1.70 -2.66 -2.61
C PHE A 207 1.96 -2.04 -4.00
N SER A 208 1.82 -0.72 -4.06
CA SER A 208 2.21 0.05 -5.25
C SER A 208 2.88 1.34 -4.81
N ALA A 209 3.79 1.82 -5.60
CA ALA A 209 4.48 3.10 -5.28
C ALA A 209 5.03 3.74 -6.56
N THR A 210 5.19 5.05 -6.49
CA THR A 210 5.73 5.84 -7.54
C THR A 210 6.59 6.98 -6.97
N SER A 211 7.68 7.22 -7.71
CA SER A 211 8.52 8.42 -7.44
C SER A 211 8.07 9.57 -8.33
N GLY A 212 8.46 10.77 -7.97
CA GLY A 212 7.98 11.96 -8.73
C GLY A 212 8.35 12.01 -10.18
N LEU A 213 7.63 12.87 -10.93
CA LEU A 213 7.95 13.05 -12.33
C LEU A 213 9.04 14.09 -12.60
N SER A 214 9.77 14.48 -11.58
CA SER A 214 10.84 15.48 -11.73
C SER A 214 12.00 15.05 -10.86
N ARG A 215 13.19 15.53 -11.22
CA ARG A 215 14.39 15.12 -10.58
C ARG A 215 14.55 15.57 -9.14
N ASP A 216 13.88 16.62 -8.79
CA ASP A 216 13.94 17.18 -7.47
C ASP A 216 12.73 16.72 -6.64
N HIS A 217 12.01 15.70 -7.11
CA HIS A 217 10.87 15.15 -6.26
C HIS A 217 10.99 13.61 -6.18
N VAL A 218 12.13 13.15 -5.76
CA VAL A 218 12.44 11.69 -5.68
C VAL A 218 12.54 11.19 -4.25
N GLU A 219 12.16 9.90 -4.09
CA GLU A 219 12.22 9.25 -2.77
C GLU A 219 12.19 7.78 -3.03
N THR A 220 12.65 6.98 -2.05
CA THR A 220 12.48 5.53 -2.00
C THR A 220 11.12 5.15 -1.38
N HIS A 221 10.68 3.90 -1.72
CA HIS A 221 9.48 3.33 -1.17
C HIS A 221 9.79 1.86 -0.94
N ASP A 222 10.32 1.56 0.24
CA ASP A 222 10.74 0.21 0.60
C ASP A 222 9.86 -0.45 1.73
N VAL A 223 9.45 -1.67 1.50
CA VAL A 223 8.67 -2.42 2.50
C VAL A 223 9.61 -3.44 3.12
N LEU A 224 9.61 -3.52 4.46
CA LEU A 224 10.60 -4.30 5.20
C LEU A 224 10.05 -5.70 5.63
N ASP A 225 8.75 -5.77 5.87
CA ASP A 225 8.10 -7.02 6.24
C ASP A 225 6.64 -6.95 5.83
N TRP A 226 5.87 -7.97 6.17
CA TRP A 226 4.46 -8.02 5.84
C TRP A 226 3.79 -9.25 6.45
N SER A 227 2.62 -9.04 7.04
CA SER A 227 1.76 -10.13 7.45
CA SER A 227 1.86 -10.12 7.46
CA SER A 227 1.80 -10.16 7.51
C SER A 227 0.37 -9.87 7.04
N PHE A 228 -0.36 -10.89 6.64
CA PHE A 228 -1.75 -10.71 6.19
C PHE A 228 -2.58 -11.94 6.61
N THR A 229 -3.83 -11.70 6.95
CA THR A 229 -4.81 -12.78 7.10
C THR A 229 -6.21 -12.27 6.67
N SER A 230 -6.97 -13.20 6.11
CA SER A 230 -8.33 -12.93 5.73
C SER A 230 -9.17 -14.21 5.99
N THR A 231 -10.41 -13.97 6.45
CA THR A 231 -11.37 -15.11 6.69
C THR A 231 -12.71 -14.79 6.01
N LEU A 232 -13.24 -15.73 5.25
CA LEU A 232 -14.56 -15.59 4.61
C LEU A 232 -15.50 -16.69 5.18
N GLN A 233 -16.55 -16.25 5.88
CA GLN A 233 -17.50 -17.09 6.64
C GLN A 233 -18.73 -16.21 6.83
CA CA B . -0.61 12.92 -4.23
MN MN C . -3.85 11.64 -1.99
O5 A2G D . 5.19 16.03 -10.98
C1 A2G D . 3.90 16.02 -11.61
O1 A2G D . 3.23 17.23 -11.22
C2 A2G D . 3.06 14.89 -10.99
N2 A2G D . 1.67 15.03 -11.46
C3 A2G D . 3.09 14.87 -9.46
O3 A2G D . 2.32 13.72 -8.96
C4 A2G D . 4.54 14.85 -8.94
O4 A2G D . 5.22 13.66 -9.43
C5 A2G D . 5.22 16.09 -9.51
C6 A2G D . 6.65 16.15 -9.03
O6 A2G D . 7.29 17.34 -9.62
C7 A2G D . 0.94 14.01 -11.89
O7 A2G D . 1.33 12.83 -11.85
C8 A2G D . -0.42 14.41 -12.49
C1 CIT E . 6.33 19.07 -2.36
O1 CIT E . 5.81 20.18 -2.76
O2 CIT E . 7.21 18.48 -3.02
C2 CIT E . 5.79 18.33 -1.15
C3 CIT E . 4.36 18.74 -0.76
O7 CIT E . 3.41 18.52 -1.83
C4 CIT E . 3.93 17.89 0.44
C5 CIT E . 2.44 18.04 0.73
O3 CIT E . 2.07 19.10 1.30
O4 CIT E . 1.66 17.11 0.36
C6 CIT E . 4.26 20.20 -0.36
O5 CIT E . 3.38 20.91 -0.95
O6 CIT E . 5.00 20.59 0.57
C1 GOL F . -7.87 -0.94 14.15
O1 GOL F . -7.79 -1.41 12.79
C2 GOL F . -9.35 -0.76 14.55
O2 GOL F . -10.06 -2.03 14.57
C3 GOL F . -9.41 -0.22 15.97
O3 GOL F . -9.04 1.11 16.08
C1 GOL G . -15.07 -9.31 11.47
O1 GOL G . -14.04 -9.01 12.42
C2 GOL G . -16.48 -9.62 11.95
O2 GOL G . -17.14 -9.15 10.82
C3 GOL G . -17.12 -8.79 13.07
O3 GOL G . -16.26 -8.65 14.23
S SO4 H . 6.20 21.79 -5.78
O1 SO4 H . 4.72 21.66 -5.52
O2 SO4 H . 6.55 23.20 -5.57
O3 SO4 H . 6.56 21.39 -7.14
O4 SO4 H . 7.01 21.01 -4.77
S SO4 I . 16.05 15.22 -18.22
O1 SO4 I . 16.49 15.99 -19.43
O2 SO4 I . 16.16 15.98 -16.92
O3 SO4 I . 14.62 14.86 -18.46
O4 SO4 I . 16.88 13.98 -18.14
S SO4 J . 19.23 -2.24 0.71
O1 SO4 J . 18.56 -1.20 -0.15
O2 SO4 J . 19.49 -1.45 1.99
O3 SO4 J . 18.51 -3.53 0.98
O4 SO4 J . 20.50 -2.85 0.11
#